data_9UHI
#
_entry.id   9UHI
#
_cell.length_a   211.430
_cell.length_b   49.280
_cell.length_c   66.550
_cell.angle_alpha   90.00
_cell.angle_beta   107.42
_cell.angle_gamma   90.00
#
_symmetry.space_group_name_H-M   'C 1 2 1'
#
loop_
_entity.id
_entity.type
_entity.pdbx_description
1 polymer 'Fibroblast growth factor receptor 1'
2 non-polymer ~{N}-[1-methyl-3-[3-[1-(2-morpholin-4-ylethyl)pyrazol-4-yl]quinoxalin-5-yl]indol-6-yl]propanamide
3 non-polymer 'SULFATE ION'
4 water water
#
_entity_poly.entity_id   1
_entity_poly.type   'polypeptide(L)'
_entity_poly.pdbx_seq_one_letter_code
;GPAGVSEYELPEDPRWELPRDRLVLGKPLGEGCFGQVVLAEAIGLDKDKPNRVTKVAVKMLKSDATEKDLSDLISEMEMM
KMIGKHKNIINLLGACTQDGPLYVIVEYASKGNLREYLQARRPPGLEYSYNPSHNPEEQLSSKDLVSCAYQVARGMEYLA
SKKCIHRDLAARNVLVTEDNVMKIADFGLARDIHHIDYYKKTTNGRLPVKWMAPEALFDRIYTHQSDVWSFGVLLWEIFT
LGGSPYPGVPVEELFKLLKEGHRMDKPSNCTNELYMMMRDCWHAVPSQRPTFKQLVEDLDRIVALTSNQE
;
_entity_poly.pdbx_strand_id   A,B
#
# COMPACT_ATOMS: atom_id res chain seq x y z
N GLY A 1 48.25 -15.91 14.59
CA GLY A 1 48.66 -16.92 13.65
C GLY A 1 48.06 -16.60 12.29
N PRO A 2 48.73 -17.08 11.23
CA PRO A 2 48.29 -16.74 9.87
C PRO A 2 47.07 -17.49 9.38
N ALA A 3 46.49 -18.38 10.18
CA ALA A 3 45.30 -19.10 9.73
C ALA A 3 44.20 -18.10 9.41
N GLY A 4 43.58 -18.26 8.24
CA GLY A 4 42.49 -17.38 7.84
C GLY A 4 42.91 -16.03 7.32
N VAL A 5 44.21 -15.76 7.17
CA VAL A 5 44.66 -14.50 6.57
C VAL A 5 44.50 -14.61 5.07
N SER A 6 43.92 -13.57 4.46
CA SER A 6 43.81 -13.58 3.02
C SER A 6 45.20 -13.53 2.37
N GLU A 7 45.35 -14.29 1.30
CA GLU A 7 46.55 -14.18 0.48
C GLU A 7 46.58 -12.84 -0.25
N TYR A 8 45.43 -12.17 -0.35
CA TYR A 8 45.31 -10.94 -1.12
C TYR A 8 45.42 -9.72 -0.21
N GLU A 9 45.55 -8.55 -0.85
CA GLU A 9 45.60 -7.26 -0.16
C GLU A 9 44.20 -6.63 -0.22
N LEU A 10 43.35 -6.94 0.78
CA LEU A 10 41.99 -6.37 0.74
C LEU A 10 42.06 -4.94 1.27
N PRO A 11 41.35 -3.99 0.64
CA PRO A 11 41.56 -2.56 0.95
C PRO A 11 40.78 -2.13 2.17
N GLU A 12 41.51 -1.71 3.21
CA GLU A 12 40.92 -1.20 4.42
C GLU A 12 40.73 0.31 4.32
N ASP A 13 39.49 0.75 4.37
CA ASP A 13 39.17 2.18 4.34
C ASP A 13 38.60 2.51 5.71
N PRO A 14 39.30 3.30 6.54
CA PRO A 14 38.83 3.57 7.91
C PRO A 14 37.49 4.24 8.00
N ARG A 15 37.07 4.96 6.97
CA ARG A 15 35.74 5.56 6.97
C ARG A 15 34.64 4.53 6.94
N TRP A 16 34.91 3.38 6.31
CA TRP A 16 33.87 2.39 6.06
C TRP A 16 34.03 1.09 6.82
N GLU A 17 35.22 0.81 7.35
CA GLU A 17 35.49 -0.49 7.95
C GLU A 17 34.69 -0.67 9.24
N LEU A 18 34.01 -1.81 9.35
CA LEU A 18 33.27 -2.16 10.57
C LEU A 18 33.87 -3.42 11.18
N PRO A 19 34.16 -3.46 12.49
CA PRO A 19 34.56 -4.74 13.10
C PRO A 19 33.44 -5.76 12.94
N ARG A 20 33.80 -6.97 12.51
CA ARG A 20 32.75 -7.93 12.20
C ARG A 20 32.02 -8.38 13.46
N ASP A 21 32.58 -8.13 14.65
CA ASP A 21 31.81 -8.49 15.83
C ASP A 21 30.67 -7.52 16.10
N ARG A 22 30.54 -6.47 15.30
CA ARG A 22 29.38 -5.58 15.35
C ARG A 22 28.23 -6.07 14.48
N LEU A 23 28.38 -7.21 13.80
CA LEU A 23 27.33 -7.78 12.97
C LEU A 23 26.75 -9.00 13.67
N VAL A 24 25.44 -9.01 13.83
CA VAL A 24 24.70 -10.19 14.31
C VAL A 24 24.01 -10.78 13.08
N LEU A 25 24.56 -11.87 12.55
CA LEU A 25 24.05 -12.40 11.30
C LEU A 25 22.70 -13.07 11.51
N GLY A 26 21.79 -12.83 10.59
CA GLY A 26 20.44 -13.35 10.66
C GLY A 26 20.09 -14.17 9.42
N LYS A 27 18.87 -13.98 8.93
CA LYS A 27 18.27 -14.90 7.96
C LYS A 27 18.92 -14.74 6.59
N PRO A 28 18.99 -15.82 5.82
CA PRO A 28 19.50 -15.72 4.45
C PRO A 28 18.58 -14.88 3.57
N LEU A 29 19.21 -14.15 2.65
CA LEU A 29 18.50 -13.36 1.66
C LEU A 29 18.72 -13.91 0.27
N GLY A 30 19.36 -15.07 0.14
CA GLY A 30 19.55 -15.73 -1.13
C GLY A 30 20.98 -15.65 -1.62
N GLU A 31 21.23 -16.35 -2.72
CA GLU A 31 22.54 -16.37 -3.37
C GLU A 31 22.75 -15.20 -4.31
N GLY A 32 23.74 -14.35 -4.02
CA GLY A 32 24.16 -13.28 -4.91
C GLY A 32 25.21 -13.72 -5.93
N CYS A 33 25.75 -12.73 -6.68
CA CYS A 33 26.72 -13.05 -7.73
C CYS A 33 27.99 -13.66 -7.16
N PHE A 34 28.39 -13.22 -5.97
CA PHE A 34 29.67 -13.57 -5.42
C PHE A 34 29.57 -14.44 -4.18
N GLY A 35 28.36 -14.70 -3.68
CA GLY A 35 28.19 -15.47 -2.46
C GLY A 35 26.84 -15.17 -1.84
N GLN A 36 26.63 -15.71 -0.64
CA GLN A 36 25.39 -15.47 0.07
C GLN A 36 25.19 -13.97 0.34
N VAL A 37 23.94 -13.54 0.37
CA VAL A 37 23.52 -12.26 0.97
C VAL A 37 22.69 -12.61 2.19
N VAL A 38 23.00 -11.96 3.31
CA VAL A 38 22.46 -12.29 4.62
C VAL A 38 21.97 -11.03 5.30
N LEU A 39 20.81 -11.12 5.94
CA LEU A 39 20.34 -10.02 6.77
C LEU A 39 21.14 -10.03 8.06
N ALA A 40 21.54 -8.85 8.52
CA ALA A 40 22.24 -8.77 9.80
C ALA A 40 21.77 -7.55 10.57
N GLU A 41 22.00 -7.59 11.88
CA GLU A 41 21.87 -6.41 12.68
C GLU A 41 23.27 -5.89 12.95
N ALA A 42 23.47 -4.63 12.64
CA ALA A 42 24.76 -3.99 12.86
C ALA A 42 24.69 -3.11 14.10
N ILE A 43 25.61 -3.32 15.05
CA ILE A 43 25.65 -2.49 16.25
C ILE A 43 26.55 -1.28 16.03
N GLY A 44 26.02 -0.09 16.28
CA GLY A 44 26.88 1.07 16.29
C GLY A 44 27.36 1.44 14.89
N LEU A 45 26.59 1.09 13.87
CA LEU A 45 26.97 1.41 12.50
C LEU A 45 27.21 2.90 12.35
N ASP A 46 26.31 3.72 12.89
CA ASP A 46 26.52 5.17 13.01
C ASP A 46 27.33 5.44 14.27
N LYS A 47 28.58 5.88 14.10
CA LYS A 47 29.48 6.11 15.24
C LYS A 47 28.94 7.15 16.22
N ASP A 48 27.89 7.89 15.86
CA ASP A 48 27.24 8.81 16.79
C ASP A 48 26.31 8.10 17.76
N LYS A 49 25.80 6.92 17.39
CA LYS A 49 24.86 6.17 18.22
C LYS A 49 25.44 4.77 18.36
N PRO A 50 26.46 4.60 19.21
CA PRO A 50 27.17 3.32 19.28
C PRO A 50 26.32 2.19 19.85
N ASN A 51 25.19 2.50 20.47
CA ASN A 51 24.40 1.49 21.16
C ASN A 51 23.11 1.15 20.42
N ARG A 52 22.98 1.58 19.17
CA ARG A 52 21.78 1.28 18.42
C ARG A 52 22.09 0.20 17.39
N VAL A 53 21.04 -0.52 16.99
CA VAL A 53 21.13 -1.59 16.03
C VAL A 53 20.41 -1.17 14.76
N THR A 54 21.03 -1.43 13.62
CA THR A 54 20.48 -1.15 12.29
C THR A 54 20.41 -2.45 11.52
N LYS A 55 19.27 -2.73 10.86
CA LYS A 55 19.24 -3.90 9.97
C LYS A 55 19.93 -3.56 8.66
N VAL A 56 20.79 -4.47 8.19
CA VAL A 56 21.60 -4.27 6.99
C VAL A 56 21.64 -5.56 6.20
N ALA A 57 22.08 -5.49 4.93
CA ALA A 57 22.28 -6.67 4.11
C ALA A 57 23.77 -6.89 3.96
N VAL A 58 24.22 -8.13 4.18
CA VAL A 58 25.66 -8.41 4.16
C VAL A 58 25.94 -9.26 2.95
N LYS A 59 26.76 -8.73 2.02
CA LYS A 59 27.17 -9.47 0.85
C LYS A 59 28.44 -10.22 1.17
N MET A 60 28.42 -11.55 1.07
CA MET A 60 29.60 -12.33 1.36
C MET A 60 30.22 -12.93 0.10
N LEU A 61 31.47 -13.36 0.24
CA LEU A 61 32.21 -14.05 -0.81
C LEU A 61 32.15 -15.55 -0.57
N LYS A 62 31.67 -16.30 -1.56
CA LYS A 62 31.52 -17.74 -1.44
C LYS A 62 32.89 -18.39 -1.24
N SER A 63 32.92 -19.54 -0.56
CA SER A 63 34.20 -20.11 -0.13
C SER A 63 35.07 -20.51 -1.31
N ASP A 64 34.46 -20.95 -2.41
CA ASP A 64 35.16 -21.32 -3.64
C ASP A 64 35.29 -20.17 -4.63
N ALA A 65 35.25 -18.92 -4.16
CA ALA A 65 35.36 -17.79 -5.06
C ALA A 65 36.70 -17.79 -5.79
N THR A 66 36.67 -17.32 -7.04
CA THR A 66 37.90 -17.09 -7.78
C THR A 66 38.48 -15.71 -7.45
N GLU A 67 39.71 -15.50 -7.91
CA GLU A 67 40.29 -14.18 -7.80
C GLU A 67 39.46 -13.15 -8.55
N LYS A 68 38.81 -13.56 -9.65
CA LYS A 68 38.00 -12.59 -10.38
C LYS A 68 36.77 -12.21 -9.57
N ASP A 69 36.14 -13.20 -8.92
CA ASP A 69 35.01 -12.93 -8.02
C ASP A 69 35.39 -11.95 -6.93
N LEU A 70 36.53 -12.22 -6.26
CA LEU A 70 37.02 -11.28 -5.25
C LEU A 70 37.22 -9.89 -5.83
N SER A 71 37.93 -9.78 -6.96
CA SER A 71 38.16 -8.49 -7.58
C SER A 71 36.85 -7.81 -7.92
N ASP A 72 35.88 -8.59 -8.41
CA ASP A 72 34.61 -8.01 -8.83
C ASP A 72 33.83 -7.45 -7.63
N LEU A 73 33.84 -8.15 -6.48
CA LEU A 73 33.12 -7.67 -5.30
C LEU A 73 33.81 -6.43 -4.72
N ILE A 74 35.15 -6.42 -4.72
CA ILE A 74 35.85 -5.21 -4.32
C ILE A 74 35.51 -4.05 -5.26
N SER A 75 35.47 -4.32 -6.57
CA SER A 75 35.22 -3.26 -7.52
C SER A 75 33.82 -2.67 -7.35
N GLU A 76 32.80 -3.53 -7.13
CA GLU A 76 31.46 -3.03 -6.84
C GLU A 76 31.47 -2.13 -5.62
N MET A 77 32.16 -2.55 -4.56
CA MET A 77 32.17 -1.72 -3.36
C MET A 77 32.87 -0.39 -3.62
N GLU A 78 34.00 -0.40 -4.30
CA GLU A 78 34.65 0.90 -4.53
C GLU A 78 33.86 1.80 -5.48
N MET A 79 33.15 1.20 -6.44
CA MET A 79 32.27 1.95 -7.33
C MET A 79 31.13 2.61 -6.56
N MET A 80 30.51 1.89 -5.63
CA MET A 80 29.47 2.51 -4.80
C MET A 80 30.01 3.74 -4.06
N LYS A 81 31.26 3.66 -3.54
CA LYS A 81 31.84 4.83 -2.90
C LYS A 81 31.94 6.01 -3.86
N MET A 82 32.44 5.74 -5.06
CA MET A 82 32.59 6.86 -5.98
C MET A 82 31.24 7.40 -6.44
N ILE A 83 30.23 6.54 -6.55
CA ILE A 83 28.94 7.02 -7.05
C ILE A 83 28.25 7.87 -5.99
N GLY A 84 28.42 7.53 -4.72
CA GLY A 84 27.86 8.32 -3.63
C GLY A 84 26.40 7.95 -3.38
N LYS A 85 25.79 8.63 -2.42
CA LYS A 85 24.52 8.16 -1.86
C LYS A 85 23.33 8.78 -2.59
N HIS A 86 22.27 7.98 -2.77
CA HIS A 86 21.00 8.50 -3.25
C HIS A 86 19.87 7.70 -2.62
N LYS A 87 18.74 8.36 -2.33
CA LYS A 87 17.62 7.68 -1.72
C LYS A 87 17.13 6.48 -2.54
N ASN A 88 17.25 6.52 -3.88
CA ASN A 88 16.63 5.48 -4.69
C ASN A 88 17.63 4.49 -5.27
N ILE A 89 18.77 4.29 -4.59
CA ILE A 89 19.69 3.22 -4.94
C ILE A 89 20.03 2.48 -3.65
N ILE A 90 20.49 1.25 -3.80
CA ILE A 90 20.96 0.48 -2.64
C ILE A 90 22.33 1.05 -2.27
N ASN A 91 22.45 1.66 -1.08
CA ASN A 91 23.68 2.35 -0.72
C ASN A 91 24.66 1.49 0.07
N LEU A 92 25.94 1.78 -0.11
CA LEU A 92 26.95 1.17 0.74
C LEU A 92 26.87 1.72 2.16
N LEU A 93 27.00 0.82 3.14
CA LEU A 93 27.03 1.21 4.54
C LEU A 93 28.32 0.86 5.26
N GLY A 94 29.09 -0.09 4.77
CA GLY A 94 30.35 -0.42 5.42
C GLY A 94 30.94 -1.68 4.83
N ALA A 95 32.03 -2.14 5.45
CA ALA A 95 32.70 -3.32 4.90
C ALA A 95 33.51 -3.96 6.02
N CYS A 96 33.71 -5.28 5.91
CA CYS A 96 34.60 -6.02 6.81
C CYS A 96 35.67 -6.66 5.94
N THR A 97 36.89 -6.13 5.97
CA THR A 97 37.97 -6.63 5.13
C THR A 97 39.05 -7.29 5.95
N GLN A 98 38.93 -7.25 7.26
CA GLN A 98 39.95 -7.67 8.20
C GLN A 98 39.37 -8.74 9.11
N ASP A 99 40.27 -9.58 9.65
CA ASP A 99 39.92 -10.51 10.72
C ASP A 99 38.86 -11.53 10.28
N GLY A 100 38.80 -11.84 8.98
CA GLY A 100 37.87 -12.83 8.47
C GLY A 100 37.51 -12.59 7.01
N PRO A 101 36.52 -13.33 6.53
CA PRO A 101 36.16 -13.22 5.11
C PRO A 101 35.54 -11.87 4.75
N LEU A 102 35.72 -11.49 3.50
CA LEU A 102 35.23 -10.20 3.01
C LEU A 102 33.71 -10.12 3.11
N TYR A 103 33.23 -9.06 3.78
CA TYR A 103 31.81 -8.69 3.77
C TYR A 103 31.65 -7.29 3.20
N VAL A 104 30.67 -7.08 2.33
CA VAL A 104 30.29 -5.71 1.91
C VAL A 104 28.89 -5.44 2.43
N ILE A 105 28.74 -4.38 3.21
CA ILE A 105 27.49 -4.11 3.94
C ILE A 105 26.73 -3.03 3.21
N VAL A 106 25.46 -3.30 2.86
CA VAL A 106 24.64 -2.35 2.12
C VAL A 106 23.27 -2.22 2.78
N GLU A 107 22.46 -1.29 2.27
CA GLU A 107 21.13 -1.09 2.85
C GLU A 107 20.24 -2.31 2.62
N TYR A 108 19.35 -2.59 3.61
CA TYR A 108 18.45 -3.73 3.59
C TYR A 108 17.10 -3.29 3.03
N ALA A 109 16.55 -4.08 2.13
CA ALA A 109 15.27 -3.76 1.51
C ALA A 109 14.33 -4.91 1.84
N SER A 110 13.55 -4.75 2.91
CA SER A 110 12.91 -5.92 3.51
C SER A 110 11.86 -6.54 2.61
N LYS A 111 11.24 -5.76 1.72
CA LYS A 111 10.19 -6.33 0.89
C LYS A 111 10.70 -6.98 -0.41
N GLY A 112 12.03 -6.99 -0.64
CA GLY A 112 12.58 -7.78 -1.74
C GLY A 112 12.41 -7.07 -3.08
N ASN A 113 12.57 -7.85 -4.15
CA ASN A 113 12.62 -7.24 -5.47
C ASN A 113 11.22 -6.81 -5.94
N LEU A 114 11.23 -5.82 -6.82
CA LEU A 114 9.99 -5.18 -7.25
C LEU A 114 9.06 -6.13 -8.01
N ARG A 115 9.62 -7.03 -8.83
CA ARG A 115 8.72 -7.95 -9.55
C ARG A 115 7.88 -8.77 -8.58
N GLU A 116 8.51 -9.40 -7.58
CA GLU A 116 7.69 -10.22 -6.69
C GLU A 116 6.85 -9.38 -5.73
N TYR A 117 7.32 -8.19 -5.37
CA TYR A 117 6.52 -7.28 -4.57
C TYR A 117 5.21 -6.93 -5.30
N LEU A 118 5.30 -6.62 -6.59
CA LEU A 118 4.08 -6.28 -7.32
C LEU A 118 3.22 -7.51 -7.53
N GLN A 119 3.85 -8.65 -7.80
CA GLN A 119 3.04 -9.85 -8.04
C GLN A 119 2.18 -10.20 -6.83
N ALA A 120 2.74 -10.06 -5.63
CA ALA A 120 2.02 -10.35 -4.39
C ALA A 120 0.89 -9.37 -4.14
N ARG A 121 0.88 -8.22 -4.84
CA ARG A 121 -0.14 -7.21 -4.65
C ARG A 121 -1.15 -7.18 -5.81
N ARG A 122 -1.21 -8.23 -6.62
CA ARG A 122 -2.15 -8.27 -7.74
C ARG A 122 -3.56 -8.47 -7.20
N PRO A 123 -4.51 -7.65 -7.59
CA PRO A 123 -5.90 -7.95 -7.26
C PRO A 123 -6.44 -9.00 -8.21
N PRO A 124 -7.54 -9.65 -7.85
CA PRO A 124 -8.21 -10.55 -8.80
C PRO A 124 -8.81 -9.80 -9.97
N GLY A 125 -9.17 -10.55 -11.01
CA GLY A 125 -9.96 -9.97 -12.08
C GLY A 125 -9.22 -9.98 -13.40
N LEU A 126 -9.74 -9.17 -14.34
CA LEU A 126 -9.37 -9.31 -15.75
C LEU A 126 -8.06 -8.62 -16.10
N GLU A 127 -7.64 -7.62 -15.33
CA GLU A 127 -6.56 -6.78 -15.82
C GLU A 127 -5.18 -7.33 -15.53
N TYR A 128 -5.05 -8.32 -14.63
CA TYR A 128 -3.73 -8.87 -14.31
C TYR A 128 -3.77 -10.38 -14.30
N SER A 129 -2.59 -10.99 -14.48
CA SER A 129 -2.48 -12.43 -14.24
C SER A 129 -2.69 -12.74 -12.77
N TYR A 130 -2.80 -14.03 -12.44
CA TYR A 130 -3.12 -14.37 -11.06
C TYR A 130 -2.00 -13.97 -10.09
N ASN A 131 -2.40 -13.85 -8.82
CA ASN A 131 -1.50 -13.52 -7.72
C ASN A 131 -0.86 -14.79 -7.19
N PRO A 132 0.46 -14.96 -7.33
CA PRO A 132 1.12 -16.21 -6.91
C PRO A 132 1.47 -16.28 -5.44
N SER A 133 1.19 -15.23 -4.70
CA SER A 133 1.62 -15.16 -3.31
C SER A 133 0.62 -15.89 -2.43
N HIS A 134 1.14 -16.72 -1.53
CA HIS A 134 0.29 -17.25 -0.48
C HIS A 134 0.15 -16.30 0.69
N ASN A 135 0.86 -15.17 0.67
CA ASN A 135 0.71 -14.09 1.63
C ASN A 135 0.45 -12.81 0.85
N PRO A 136 -0.69 -12.73 0.15
CA PRO A 136 -0.94 -11.57 -0.70
C PRO A 136 -1.08 -10.34 0.17
N GLU A 137 -0.73 -9.19 -0.41
CA GLU A 137 -0.75 -7.92 0.31
C GLU A 137 -1.72 -6.98 -0.39
N GLU A 138 -2.01 -5.87 0.29
CA GLU A 138 -2.99 -4.92 -0.21
C GLU A 138 -2.56 -4.34 -1.55
N GLN A 139 -3.53 -4.22 -2.45
CA GLN A 139 -3.29 -3.69 -3.77
C GLN A 139 -2.81 -2.24 -3.68
N LEU A 140 -1.90 -1.87 -4.60
CA LEU A 140 -1.40 -0.52 -4.67
C LEU A 140 -2.38 0.38 -5.41
N SER A 141 -2.38 1.66 -5.07
CA SER A 141 -3.18 2.61 -5.82
C SER A 141 -2.51 2.96 -7.15
N SER A 142 -3.28 3.58 -8.05
CA SER A 142 -2.72 4.02 -9.32
C SER A 142 -1.56 4.98 -9.09
N LYS A 143 -1.73 5.89 -8.14
CA LYS A 143 -0.63 6.81 -7.79
C LYS A 143 0.60 6.07 -7.25
N ASP A 144 0.40 5.06 -6.39
CA ASP A 144 1.54 4.26 -5.93
C ASP A 144 2.34 3.71 -7.10
N LEU A 145 1.65 3.21 -8.13
CA LEU A 145 2.36 2.61 -9.25
C LEU A 145 3.17 3.65 -10.00
N VAL A 146 2.57 4.81 -10.28
CA VAL A 146 3.34 5.84 -10.96
C VAL A 146 4.47 6.31 -10.07
N SER A 147 4.23 6.39 -8.78
CA SER A 147 5.29 6.78 -7.86
C SER A 147 6.46 5.79 -7.87
N CYS A 148 6.16 4.49 -8.01
CA CYS A 148 7.24 3.48 -8.16
C CYS A 148 8.11 3.85 -9.34
N ALA A 149 7.47 4.15 -10.47
CA ALA A 149 8.21 4.50 -11.68
C ALA A 149 9.02 5.79 -11.49
N TYR A 150 8.42 6.79 -10.84
CA TYR A 150 9.11 8.04 -10.57
C TYR A 150 10.38 7.81 -9.75
N GLN A 151 10.27 7.02 -8.70
CA GLN A 151 11.42 6.76 -7.83
C GLN A 151 12.54 6.06 -8.59
N VAL A 152 12.21 5.09 -9.45
CA VAL A 152 13.27 4.44 -10.20
C VAL A 152 13.90 5.44 -11.15
N ALA A 153 13.07 6.24 -11.82
CA ALA A 153 13.62 7.23 -12.74
C ALA A 153 14.52 8.20 -11.99
N ARG A 154 14.15 8.57 -10.76
CA ARG A 154 14.98 9.51 -10.00
C ARG A 154 16.30 8.87 -9.66
N GLY A 155 16.28 7.60 -9.26
CA GLY A 155 17.53 6.90 -9.01
C GLY A 155 18.39 6.80 -10.27
N MET A 156 17.77 6.49 -11.41
CA MET A 156 18.57 6.41 -12.65
C MET A 156 19.11 7.75 -13.08
N GLU A 157 18.33 8.81 -12.88
CA GLU A 157 18.82 10.17 -13.16
C GLU A 157 20.08 10.47 -12.35
N TYR A 158 20.07 10.11 -11.06
CA TYR A 158 21.26 10.28 -10.25
C TYR A 158 22.41 9.44 -10.80
N LEU A 159 22.17 8.15 -11.04
CA LEU A 159 23.25 7.28 -11.52
C LEU A 159 23.80 7.80 -12.84
N ALA A 160 22.92 8.26 -13.74
CA ALA A 160 23.43 8.76 -15.03
C ALA A 160 24.25 10.02 -14.83
N SER A 161 23.88 10.84 -13.86
CA SER A 161 24.65 12.04 -13.56
C SER A 161 26.06 11.71 -13.07
N LYS A 162 26.25 10.52 -12.51
CA LYS A 162 27.53 10.05 -12.02
C LYS A 162 28.23 9.21 -13.07
N LYS A 163 27.70 9.19 -14.30
CA LYS A 163 28.27 8.48 -15.43
C LYS A 163 28.19 6.97 -15.24
N CYS A 164 27.20 6.50 -14.48
CA CYS A 164 27.02 5.09 -14.23
C CYS A 164 25.96 4.57 -15.20
N ILE A 165 26.31 3.57 -16.00
CA ILE A 165 25.37 2.87 -16.88
C ILE A 165 25.01 1.56 -16.20
N HIS A 166 23.72 1.30 -16.02
CA HIS A 166 23.33 0.09 -15.28
C HIS A 166 23.53 -1.18 -16.12
N ARG A 167 23.03 -1.19 -17.34
CA ARG A 167 23.09 -2.29 -18.33
C ARG A 167 22.10 -3.42 -18.09
N ASP A 168 21.43 -3.48 -16.96
CA ASP A 168 20.42 -4.54 -16.79
C ASP A 168 19.28 -4.03 -15.91
N LEU A 169 18.72 -2.87 -16.27
CA LEU A 169 17.68 -2.27 -15.44
C LEU A 169 16.39 -3.03 -15.70
N ALA A 170 15.86 -3.66 -14.65
CA ALA A 170 14.71 -4.56 -14.74
C ALA A 170 14.08 -4.56 -13.36
N ALA A 171 12.80 -4.95 -13.27
CA ALA A 171 12.12 -4.99 -11.98
C ALA A 171 12.83 -5.91 -10.98
N ARG A 172 13.45 -6.99 -11.45
CA ARG A 172 14.19 -7.85 -10.50
C ARG A 172 15.43 -7.17 -9.92
N ASN A 173 15.91 -6.10 -10.53
CA ASN A 173 17.04 -5.32 -10.02
C ASN A 173 16.59 -4.04 -9.32
N VAL A 174 15.34 -3.97 -8.89
CA VAL A 174 14.87 -2.90 -8.00
C VAL A 174 14.37 -3.60 -6.74
N LEU A 175 14.83 -3.13 -5.59
CA LEU A 175 14.40 -3.70 -4.31
C LEU A 175 13.54 -2.67 -3.60
N VAL A 176 12.69 -3.15 -2.71
CA VAL A 176 11.72 -2.31 -2.04
C VAL A 176 11.96 -2.41 -0.54
N THR A 177 12.08 -1.26 0.12
CA THR A 177 12.36 -1.25 1.55
C THR A 177 11.07 -1.38 2.38
N GLU A 178 11.27 -1.48 3.69
CA GLU A 178 10.12 -1.58 4.60
C GLU A 178 9.19 -0.39 4.46
N ASP A 179 9.71 0.80 4.15
CA ASP A 179 8.89 1.98 3.94
C ASP A 179 8.48 2.18 2.48
N ASN A 180 8.56 1.12 1.67
CA ASN A 180 8.14 1.09 0.27
C ASN A 180 8.95 2.05 -0.58
N VAL A 181 10.20 2.29 -0.20
CA VAL A 181 11.09 3.09 -1.06
C VAL A 181 11.69 2.18 -2.12
N MET A 182 11.70 2.64 -3.37
CA MET A 182 12.33 1.85 -4.43
C MET A 182 13.83 2.11 -4.47
N LYS A 183 14.62 1.04 -4.58
CA LYS A 183 16.09 1.18 -4.53
C LYS A 183 16.70 0.32 -5.62
N ILE A 184 17.38 0.98 -6.56
CA ILE A 184 18.05 0.26 -7.64
C ILE A 184 19.24 -0.53 -7.09
N ALA A 185 19.34 -1.77 -7.48
CA ALA A 185 20.44 -2.65 -7.11
C ALA A 185 21.29 -2.98 -8.33
N ASP A 186 22.50 -3.46 -8.05
CA ASP A 186 23.44 -4.01 -9.02
C ASP A 186 23.89 -2.95 -10.03
N PHE A 187 23.87 -1.69 -9.65
CA PHE A 187 24.33 -0.62 -10.54
C PHE A 187 25.86 -0.51 -10.52
N GLY A 188 26.53 -1.04 -9.50
CA GLY A 188 27.97 -0.90 -9.39
C GLY A 188 28.78 -2.04 -9.96
N LEU A 189 28.11 -3.01 -10.59
CA LEU A 189 28.80 -4.20 -11.09
C LEU A 189 29.65 -3.86 -12.29
N ALA A 190 30.89 -4.31 -12.30
CA ALA A 190 31.72 -4.08 -13.47
C ALA A 190 31.18 -4.86 -14.67
N ARG A 191 31.39 -4.34 -15.86
CA ARG A 191 30.96 -5.03 -17.06
C ARG A 191 31.91 -6.20 -17.37
N ASP A 192 31.33 -7.37 -17.62
CA ASP A 192 32.06 -8.53 -18.13
C ASP A 192 32.88 -8.14 -19.37
N ILE A 193 34.17 -8.50 -19.36
CA ILE A 193 35.02 -8.36 -20.54
C ILE A 193 34.82 -9.46 -21.57
N HIS A 194 34.06 -10.51 -21.26
CA HIS A 194 33.74 -11.59 -22.21
C HIS A 194 32.37 -11.36 -22.83
N HIS A 195 32.17 -11.95 -24.02
CA HIS A 195 30.83 -11.96 -24.59
C HIS A 195 29.89 -12.77 -23.69
N ILE A 196 28.61 -12.43 -23.74
CA ILE A 196 27.61 -13.03 -22.87
C ILE A 196 26.81 -14.04 -23.71
N ASP A 197 26.17 -14.97 -23.02
CA ASP A 197 25.26 -15.93 -23.62
C ASP A 197 23.84 -15.37 -23.54
N TYR A 198 23.24 -15.07 -24.70
CA TYR A 198 21.89 -14.50 -24.72
C TYR A 198 20.82 -15.48 -24.30
N TYR A 199 21.12 -16.77 -24.32
CA TYR A 199 20.08 -17.75 -24.05
C TYR A 199 20.26 -18.40 -22.68
N LYS A 200 21.19 -17.88 -21.85
CA LYS A 200 21.40 -18.38 -20.50
C LYS A 200 20.52 -17.62 -19.53
N LYS A 201 19.65 -18.35 -18.82
CA LYS A 201 18.85 -17.74 -17.79
C LYS A 201 19.68 -17.36 -16.56
N THR A 202 19.22 -16.34 -15.84
CA THR A 202 19.77 -16.06 -14.53
C THR A 202 19.40 -17.18 -13.57
N THR A 203 19.97 -17.12 -12.37
CA THR A 203 19.64 -18.11 -11.35
C THR A 203 18.18 -18.02 -10.93
N ASN A 204 17.51 -16.90 -11.19
CA ASN A 204 16.08 -16.78 -10.92
C ASN A 204 15.23 -16.95 -12.16
N GLY A 205 15.80 -17.45 -13.24
CA GLY A 205 15.02 -17.85 -14.40
C GLY A 205 14.76 -16.75 -15.40
N ARG A 206 15.40 -15.58 -15.24
CA ARG A 206 15.13 -14.44 -16.12
C ARG A 206 16.05 -14.48 -17.35
N LEU A 207 15.55 -13.95 -18.49
CA LEU A 207 16.36 -13.80 -19.70
C LEU A 207 16.68 -12.32 -19.93
N PRO A 208 17.86 -11.84 -19.54
CA PRO A 208 18.12 -10.38 -19.61
C PRO A 208 18.10 -9.81 -21.00
N VAL A 209 18.18 -10.62 -22.04
CA VAL A 209 18.04 -10.11 -23.40
C VAL A 209 16.72 -9.34 -23.56
N LYS A 210 15.68 -9.67 -22.78
CA LYS A 210 14.40 -8.99 -22.95
C LYS A 210 14.41 -7.55 -22.47
N TRP A 211 15.47 -7.12 -21.77
CA TRP A 211 15.59 -5.71 -21.37
C TRP A 211 16.62 -4.96 -22.21
N MET A 212 17.27 -5.64 -23.14
CA MET A 212 18.34 -5.00 -23.96
C MET A 212 17.76 -4.15 -25.07
N ALA A 213 18.23 -2.91 -25.18
CA ALA A 213 17.95 -2.08 -26.35
C ALA A 213 18.49 -2.76 -27.61
N PRO A 214 17.93 -2.45 -28.77
CA PRO A 214 18.35 -3.16 -30.00
C PRO A 214 19.84 -2.98 -30.27
N GLU A 215 20.39 -1.80 -29.94
CA GLU A 215 21.82 -1.62 -30.21
C GLU A 215 22.69 -2.40 -29.22
N ALA A 216 22.17 -2.72 -28.03
CA ALA A 216 22.87 -3.65 -27.14
C ALA A 216 22.74 -5.08 -27.66
N LEU A 217 21.54 -5.46 -28.12
CA LEU A 217 21.32 -6.80 -28.70
C LEU A 217 22.24 -7.04 -29.88
N PHE A 218 22.30 -6.07 -30.79
CA PHE A 218 22.95 -6.27 -32.07
C PHE A 218 24.45 -6.05 -31.96
N ASP A 219 24.89 -4.96 -31.27
CA ASP A 219 26.28 -4.51 -31.30
C ASP A 219 26.92 -4.35 -29.92
N ARG A 220 26.22 -4.79 -28.87
CA ARG A 220 26.71 -4.72 -27.50
C ARG A 220 27.05 -3.29 -27.09
N ILE A 221 26.33 -2.31 -27.64
CA ILE A 221 26.55 -0.92 -27.27
C ILE A 221 25.60 -0.58 -26.13
N TYR A 222 26.15 -0.23 -24.97
CA TYR A 222 25.35 0.17 -23.82
C TYR A 222 25.67 1.62 -23.48
N THR A 223 24.63 2.44 -23.35
CA THR A 223 24.78 3.87 -23.05
C THR A 223 23.67 4.24 -22.05
N HIS A 224 23.62 5.52 -21.64
CA HIS A 224 22.44 5.90 -20.85
C HIS A 224 21.16 5.73 -21.66
N GLN A 225 21.24 5.89 -23.02
CA GLN A 225 20.08 5.74 -23.90
C GLN A 225 19.59 4.30 -23.91
N SER A 226 20.50 3.33 -23.84
CA SER A 226 20.00 1.95 -23.73
C SER A 226 19.42 1.66 -22.33
N ASP A 227 19.89 2.34 -21.27
CA ASP A 227 19.21 2.20 -19.99
C ASP A 227 17.80 2.76 -20.06
N VAL A 228 17.57 3.85 -20.83
CA VAL A 228 16.22 4.37 -20.99
C VAL A 228 15.32 3.34 -21.68
N TRP A 229 15.83 2.65 -22.71
CA TRP A 229 15.06 1.55 -23.30
C TRP A 229 14.62 0.55 -22.22
N SER A 230 15.59 0.12 -21.40
CA SER A 230 15.28 -0.83 -20.34
C SER A 230 14.24 -0.28 -19.39
N PHE A 231 14.33 1.02 -19.06
CA PHE A 231 13.33 1.63 -18.20
C PHE A 231 11.95 1.50 -18.80
N GLY A 232 11.83 1.65 -20.12
CA GLY A 232 10.54 1.41 -20.76
C GLY A 232 10.00 0.01 -20.48
N VAL A 233 10.87 -0.99 -20.57
CA VAL A 233 10.46 -2.36 -20.24
C VAL A 233 10.05 -2.44 -18.78
N LEU A 234 10.84 -1.79 -17.90
CA LEU A 234 10.51 -1.77 -16.47
C LEU A 234 9.14 -1.11 -16.24
N LEU A 235 8.83 -0.03 -17.00
CA LEU A 235 7.49 0.57 -16.91
C LEU A 235 6.40 -0.47 -17.23
N TRP A 236 6.59 -1.22 -18.31
CA TRP A 236 5.63 -2.28 -18.68
C TRP A 236 5.52 -3.32 -17.55
N GLU A 237 6.65 -3.71 -16.95
CA GLU A 237 6.62 -4.57 -15.76
C GLU A 237 5.79 -3.98 -14.63
N ILE A 238 5.94 -2.68 -14.35
CA ILE A 238 5.17 -2.07 -13.27
C ILE A 238 3.67 -2.16 -13.56
N PHE A 239 3.24 -1.83 -14.78
CA PHE A 239 1.82 -1.72 -15.03
C PHE A 239 1.18 -3.06 -15.40
N THR A 240 1.97 -4.12 -15.47
CA THR A 240 1.44 -5.48 -15.47
C THR A 240 1.57 -6.13 -14.08
N LEU A 241 1.96 -5.33 -13.07
CA LEU A 241 2.23 -5.81 -11.72
C LEU A 241 3.14 -7.05 -11.75
N GLY A 242 4.29 -6.89 -12.39
CA GLY A 242 5.27 -7.97 -12.41
C GLY A 242 5.22 -8.91 -13.58
N GLY A 243 4.70 -8.47 -14.73
CA GLY A 243 4.61 -9.36 -15.86
C GLY A 243 5.95 -9.70 -16.48
N SER A 244 5.94 -10.78 -17.24
CA SER A 244 7.07 -11.24 -18.04
C SER A 244 7.05 -10.61 -19.43
N PRO A 245 8.08 -9.85 -19.82
CA PRO A 245 8.04 -9.19 -21.14
C PRO A 245 7.93 -10.16 -22.32
N TYR A 246 7.32 -9.66 -23.39
CA TYR A 246 7.18 -10.28 -24.72
C TYR A 246 6.54 -11.65 -24.59
N PRO A 247 5.32 -11.71 -24.06
CA PRO A 247 4.73 -13.03 -23.77
C PRO A 247 4.59 -13.84 -25.05
N GLY A 248 5.04 -15.09 -24.99
CA GLY A 248 4.99 -15.99 -26.12
C GLY A 248 6.03 -15.81 -27.18
N VAL A 249 6.95 -14.86 -27.05
CA VAL A 249 7.93 -14.56 -28.10
C VAL A 249 9.22 -15.31 -27.81
N PRO A 250 9.67 -16.22 -28.67
CA PRO A 250 10.96 -16.88 -28.44
C PRO A 250 12.11 -15.88 -28.56
N VAL A 251 13.07 -15.99 -27.64
CA VAL A 251 14.08 -14.96 -27.52
C VAL A 251 14.93 -14.83 -28.78
N GLU A 252 15.15 -15.91 -29.51
CA GLU A 252 15.95 -15.78 -30.72
C GLU A 252 15.22 -15.01 -31.82
N GLU A 253 13.90 -14.76 -31.68
CA GLU A 253 13.16 -13.96 -32.64
C GLU A 253 13.10 -12.49 -32.26
N LEU A 254 13.61 -12.14 -31.07
CA LEU A 254 13.30 -10.83 -30.52
C LEU A 254 13.93 -9.69 -31.32
N PHE A 255 15.21 -9.80 -31.69
CA PHE A 255 15.84 -8.67 -32.39
C PHE A 255 15.20 -8.43 -33.75
N LYS A 256 14.93 -9.52 -34.47
CA LYS A 256 14.25 -9.39 -35.76
C LYS A 256 12.92 -8.65 -35.60
N LEU A 257 12.16 -8.99 -34.55
CA LEU A 257 10.87 -8.37 -34.35
C LEU A 257 11.02 -6.89 -33.98
N LEU A 258 11.94 -6.59 -33.04
CA LEU A 258 12.19 -5.19 -32.67
C LEU A 258 12.61 -4.37 -33.86
N LYS A 259 13.51 -4.93 -34.69
CA LYS A 259 13.96 -4.25 -35.90
C LYS A 259 12.80 -3.94 -36.83
N GLU A 260 11.84 -4.87 -36.99
CA GLU A 260 10.66 -4.61 -37.81
C GLU A 260 9.68 -3.68 -37.15
N GLY A 261 9.93 -3.23 -35.91
CA GLY A 261 9.04 -2.28 -35.28
C GLY A 261 8.13 -2.87 -34.23
N HIS A 262 8.21 -4.18 -33.98
CA HIS A 262 7.41 -4.79 -32.91
C HIS A 262 7.72 -4.12 -31.60
N ARG A 263 6.66 -3.77 -30.85
CA ARG A 263 6.80 -3.34 -29.47
C ARG A 263 5.70 -3.99 -28.66
N MET A 264 5.92 -4.12 -27.35
CA MET A 264 4.88 -4.73 -26.51
C MET A 264 3.60 -3.90 -26.57
N ASP A 265 2.46 -4.59 -26.55
CA ASP A 265 1.15 -3.95 -26.47
C ASP A 265 1.00 -3.27 -25.13
N LYS A 266 0.09 -2.31 -25.09
CA LYS A 266 -0.18 -1.62 -23.82
C LYS A 266 -0.80 -2.58 -22.80
N PRO A 267 -0.32 -2.60 -21.56
CA PRO A 267 -1.05 -3.33 -20.50
C PRO A 267 -2.50 -2.88 -20.36
N SER A 268 -3.38 -3.82 -19.96
CA SER A 268 -4.82 -3.51 -19.87
C SER A 268 -5.08 -2.29 -18.98
N ASN A 269 -4.40 -2.20 -17.83
CA ASN A 269 -4.57 -1.09 -16.89
C ASN A 269 -3.33 -0.22 -17.03
N CYS A 270 -3.40 0.75 -17.94
CA CYS A 270 -2.26 1.64 -18.19
C CYS A 270 -2.82 2.81 -18.97
N THR A 271 -2.54 4.04 -18.55
CA THR A 271 -3.09 5.16 -19.32
C THR A 271 -2.41 5.28 -20.68
N ASN A 272 -3.09 5.97 -21.60
CA ASN A 272 -2.46 6.25 -22.89
C ASN A 272 -1.16 6.99 -22.71
N GLU A 273 -1.12 7.91 -21.75
CA GLU A 273 0.05 8.75 -21.53
C GLU A 273 1.26 7.94 -21.08
N LEU A 274 1.03 6.98 -20.18
CA LEU A 274 2.15 6.16 -19.73
C LEU A 274 2.55 5.15 -20.79
N TYR A 275 1.60 4.73 -21.64
CA TYR A 275 2.01 3.87 -22.73
C TYR A 275 2.82 4.66 -23.74
N MET A 276 2.44 5.91 -23.97
CA MET A 276 3.24 6.71 -24.89
C MET A 276 4.64 6.92 -24.34
N MET A 277 4.77 7.03 -23.02
CA MET A 277 6.09 7.14 -22.41
C MET A 277 6.90 5.86 -22.65
N MET A 278 6.30 4.67 -22.45
CA MET A 278 6.99 3.41 -22.79
C MET A 278 7.47 3.40 -24.23
N ARG A 279 6.57 3.75 -25.15
CA ARG A 279 6.93 3.71 -26.56
C ARG A 279 8.07 4.69 -26.89
N ASP A 280 8.09 5.85 -26.24
CA ASP A 280 9.15 6.83 -26.45
C ASP A 280 10.49 6.26 -25.96
N CYS A 281 10.46 5.58 -24.81
CA CYS A 281 11.65 4.92 -24.31
C CYS A 281 12.13 3.88 -25.31
N TRP A 282 11.22 3.29 -26.08
CA TRP A 282 11.53 2.26 -27.06
C TRP A 282 11.68 2.82 -28.46
N HIS A 283 12.06 4.09 -28.59
CA HIS A 283 12.41 4.62 -29.90
C HIS A 283 13.53 3.78 -30.49
N ALA A 284 13.42 3.41 -31.78
CA ALA A 284 14.51 2.63 -32.37
C ALA A 284 15.84 3.38 -32.28
N VAL A 285 15.81 4.70 -32.45
CA VAL A 285 17.04 5.48 -32.58
C VAL A 285 17.43 5.97 -31.20
N PRO A 286 18.60 5.59 -30.67
CA PRO A 286 18.93 5.95 -29.28
C PRO A 286 18.83 7.45 -28.98
N SER A 287 19.24 8.32 -29.93
CA SER A 287 19.26 9.75 -29.69
C SER A 287 17.85 10.31 -29.54
N GLN A 288 16.81 9.56 -29.95
CA GLN A 288 15.46 10.10 -29.96
C GLN A 288 14.68 9.71 -28.70
N ARG A 289 15.24 8.86 -27.85
CA ARG A 289 14.59 8.51 -26.60
C ARG A 289 14.66 9.69 -25.63
N PRO A 290 13.72 9.80 -24.70
CA PRO A 290 13.88 10.79 -23.63
C PRO A 290 15.09 10.47 -22.76
N THR A 291 15.54 11.48 -22.06
CA THR A 291 16.57 11.27 -21.03
C THR A 291 15.89 10.96 -19.70
N PHE A 292 16.68 10.46 -18.75
CA PHE A 292 16.12 10.27 -17.41
C PHE A 292 15.71 11.59 -16.78
N LYS A 293 16.43 12.67 -17.06
CA LYS A 293 15.99 13.98 -16.55
C LYS A 293 14.56 14.27 -17.00
N GLN A 294 14.29 14.05 -18.29
CA GLN A 294 12.95 14.33 -18.82
C GLN A 294 11.92 13.38 -18.23
N LEU A 295 12.29 12.11 -18.12
CA LEU A 295 11.36 11.11 -17.55
C LEU A 295 10.99 11.49 -16.12
N VAL A 296 11.97 11.94 -15.34
CA VAL A 296 11.68 12.36 -13.96
C VAL A 296 10.69 13.52 -13.94
N GLU A 297 10.96 14.54 -14.77
CA GLU A 297 10.06 15.69 -14.79
C GLU A 297 8.64 15.30 -15.18
N ASP A 298 8.50 14.44 -16.22
CA ASP A 298 7.19 14.01 -16.65
C ASP A 298 6.51 13.13 -15.61
N LEU A 299 7.23 12.19 -15.01
CA LEU A 299 6.60 11.37 -13.99
C LEU A 299 6.23 12.18 -12.77
N ASP A 300 7.00 13.23 -12.45
CA ASP A 300 6.63 14.05 -11.29
C ASP A 300 5.25 14.64 -11.51
N ARG A 301 5.02 15.19 -12.70
CA ARG A 301 3.73 15.76 -13.07
C ARG A 301 2.62 14.71 -13.06
N ILE A 302 2.91 13.52 -13.58
CA ILE A 302 1.87 12.49 -13.67
C ILE A 302 1.51 11.98 -12.29
N VAL A 303 2.51 11.77 -11.42
CA VAL A 303 2.20 11.36 -10.05
C VAL A 303 1.21 12.34 -9.42
N ALA A 304 1.49 13.63 -9.56
CA ALA A 304 0.63 14.66 -8.94
C ALA A 304 -0.79 14.64 -9.47
N LEU A 305 -0.99 14.24 -10.72
CA LEU A 305 -2.32 14.19 -11.28
C LEU A 305 -2.99 12.82 -11.14
N THR A 306 -2.32 11.83 -10.60
CA THR A 306 -2.87 10.47 -10.62
C THR A 306 -3.56 10.19 -9.28
N SER A 307 -4.75 9.64 -9.37
CA SER A 307 -5.57 9.40 -8.19
C SER A 307 -4.99 8.29 -7.32
N ASN A 308 -5.00 8.50 -6.01
CA ASN A 308 -4.75 7.41 -5.09
C ASN A 308 -6.04 6.82 -4.53
N GLN A 309 -7.18 7.12 -5.17
CA GLN A 309 -8.48 6.61 -4.75
C GLN A 309 -8.84 5.30 -5.43
N GLY B 1 2.07 -16.93 18.91
CA GLY B 1 0.70 -16.77 18.45
C GLY B 1 0.46 -15.44 17.77
N PRO B 2 -0.79 -15.24 17.30
CA PRO B 2 -1.10 -14.04 16.51
C PRO B 2 -0.96 -12.75 17.27
N ALA B 3 -1.03 -12.76 18.61
CA ALA B 3 -0.84 -11.52 19.36
C ALA B 3 0.58 -11.32 19.88
N GLY B 4 1.51 -12.23 19.55
CA GLY B 4 2.89 -12.10 20.00
C GLY B 4 3.02 -11.89 21.49
N VAL B 5 3.80 -10.87 21.92
CA VAL B 5 4.05 -10.64 23.35
C VAL B 5 2.77 -10.33 24.10
N SER B 6 1.75 -9.80 23.40
CA SER B 6 0.49 -9.42 24.02
C SER B 6 -0.29 -10.62 24.54
N GLU B 7 0.13 -11.83 24.20
CA GLU B 7 -0.48 -12.99 24.88
C GLU B 7 -0.38 -12.86 26.39
N TYR B 8 0.71 -12.26 26.88
CA TYR B 8 0.94 -12.07 28.32
C TYR B 8 1.00 -10.62 28.76
N GLU B 9 1.49 -9.71 27.90
CA GLU B 9 1.68 -8.32 28.30
C GLU B 9 1.61 -7.44 27.05
N LEU B 10 0.57 -6.61 26.93
CA LEU B 10 0.51 -5.69 25.79
C LEU B 10 1.60 -4.62 25.90
N PRO B 11 2.12 -4.17 24.76
CA PRO B 11 3.05 -3.04 24.79
C PRO B 11 2.40 -1.81 25.39
N GLU B 12 3.20 -1.05 26.13
CA GLU B 12 2.76 0.19 26.75
C GLU B 12 2.73 1.30 25.71
N ASP B 13 1.74 2.17 25.84
CA ASP B 13 1.68 3.41 25.06
C ASP B 13 1.12 4.48 25.96
N PRO B 14 2.00 5.20 26.66
CA PRO B 14 1.52 6.18 27.64
C PRO B 14 0.77 7.34 27.01
N ARG B 15 0.88 7.56 25.70
CA ARG B 15 0.08 8.62 25.08
C ARG B 15 -1.40 8.36 25.26
N TRP B 16 -1.79 7.10 25.36
CA TRP B 16 -3.20 6.74 25.30
C TRP B 16 -3.69 6.01 26.55
N GLU B 17 -2.83 5.69 27.50
CA GLU B 17 -3.25 4.80 28.57
C GLU B 17 -4.09 5.53 29.61
N LEU B 18 -5.27 4.98 29.92
CA LEU B 18 -6.10 5.49 30.99
C LEU B 18 -6.04 4.53 32.17
N PRO B 19 -5.70 5.01 33.37
CA PRO B 19 -5.79 4.14 34.56
C PRO B 19 -7.20 3.56 34.71
N ARG B 20 -7.29 2.27 35.05
CA ARG B 20 -8.58 1.65 35.15
C ARG B 20 -9.44 2.27 36.23
N ASP B 21 -8.83 2.85 37.26
CA ASP B 21 -9.69 3.43 38.29
C ASP B 21 -10.35 4.74 37.85
N ARG B 22 -10.05 5.24 36.65
CA ARG B 22 -10.75 6.40 36.11
C ARG B 22 -11.83 6.02 35.10
N LEU B 23 -12.21 4.74 35.06
CA LEU B 23 -13.23 4.26 34.14
C LEU B 23 -14.23 3.43 34.92
N VAL B 24 -15.51 3.75 34.75
CA VAL B 24 -16.55 2.97 35.40
C VAL B 24 -17.42 2.40 34.29
N LEU B 25 -17.44 1.07 34.18
CA LEU B 25 -18.23 0.45 33.11
C LEU B 25 -19.70 0.39 33.47
N GLY B 26 -20.55 0.48 32.44
CA GLY B 26 -21.98 0.42 32.62
C GLY B 26 -22.66 -0.57 31.68
N LYS B 27 -23.81 -0.14 31.17
CA LYS B 27 -24.69 -1.02 30.41
C LYS B 27 -24.11 -1.40 29.05
N PRO B 28 -24.35 -2.62 28.59
CA PRO B 28 -23.96 -2.98 27.21
C PRO B 28 -24.69 -2.13 26.18
N LEU B 29 -24.01 -1.87 25.06
CA LEU B 29 -24.55 -1.03 23.99
C LEU B 29 -25.01 -1.86 22.81
N GLY B 30 -25.52 -3.06 23.06
CA GLY B 30 -26.13 -3.85 22.01
C GLY B 30 -25.19 -4.92 21.51
N GLU B 31 -25.75 -5.82 20.69
CA GLU B 31 -24.96 -6.91 20.14
C GLU B 31 -24.26 -6.42 18.87
N GLY B 32 -22.95 -6.66 18.81
CA GLY B 32 -22.14 -6.28 17.68
C GLY B 32 -21.52 -7.49 17.00
N CYS B 33 -20.82 -7.21 15.91
CA CYS B 33 -20.27 -8.27 15.08
C CYS B 33 -18.99 -8.88 15.62
N PHE B 34 -18.24 -8.19 16.49
CA PHE B 34 -16.91 -8.70 16.82
C PHE B 34 -16.70 -8.96 18.30
N GLY B 35 -16.53 -7.92 19.11
CA GLY B 35 -16.41 -8.09 20.55
C GLY B 35 -17.69 -7.65 21.23
N GLN B 36 -17.58 -6.84 22.27
CA GLN B 36 -18.77 -6.23 22.85
C GLN B 36 -18.46 -4.77 23.12
N VAL B 37 -19.51 -3.94 23.11
CA VAL B 37 -19.35 -2.50 23.36
C VAL B 37 -20.21 -2.15 24.58
N VAL B 38 -19.61 -1.44 25.55
CA VAL B 38 -20.35 -1.05 26.76
C VAL B 38 -20.27 0.45 26.97
N LEU B 39 -21.35 1.00 27.52
CA LEU B 39 -21.33 2.40 27.93
C LEU B 39 -20.49 2.53 29.20
N ALA B 40 -19.74 3.63 29.33
CA ALA B 40 -18.95 3.83 30.54
C ALA B 40 -18.80 5.32 30.82
N GLU B 41 -18.29 5.63 32.00
CA GLU B 41 -17.91 7.00 32.33
C GLU B 41 -16.42 7.02 32.59
N ALA B 42 -15.73 7.98 31.99
CA ALA B 42 -14.29 8.12 32.17
C ALA B 42 -14.04 9.50 32.75
N ILE B 43 -13.10 9.62 33.67
CA ILE B 43 -12.70 10.93 34.17
C ILE B 43 -11.26 11.19 33.73
N GLY B 44 -11.01 12.41 33.24
CA GLY B 44 -9.67 12.79 32.87
C GLY B 44 -9.13 12.09 31.63
N LEU B 45 -9.93 12.03 30.58
CA LEU B 45 -9.43 11.50 29.31
C LEU B 45 -8.38 12.40 28.68
N ASP B 46 -8.42 13.70 28.97
CA ASP B 46 -7.57 14.66 28.26
C ASP B 46 -6.79 15.53 29.22
N LYS B 47 -5.54 15.83 28.83
CA LYS B 47 -4.63 16.60 29.68
C LYS B 47 -5.23 17.95 30.03
N ASP B 48 -5.97 18.57 29.10
CA ASP B 48 -6.49 19.91 29.36
C ASP B 48 -7.77 19.90 30.17
N LYS B 49 -8.35 18.73 30.44
CA LYS B 49 -9.54 18.61 31.27
C LYS B 49 -9.38 17.40 32.18
N PRO B 50 -8.42 17.45 33.11
CA PRO B 50 -8.14 16.30 33.96
C PRO B 50 -9.27 15.90 34.88
N ASN B 51 -10.23 16.78 35.17
CA ASN B 51 -11.32 16.42 36.09
C ASN B 51 -12.65 16.18 35.39
N ARG B 52 -12.68 16.20 34.07
CA ARG B 52 -13.93 16.09 33.37
C ARG B 52 -14.43 14.65 33.32
N VAL B 53 -15.71 14.46 33.62
CA VAL B 53 -16.38 13.17 33.53
C VAL B 53 -17.06 13.10 32.16
N THR B 54 -16.72 12.08 31.37
CA THR B 54 -17.22 11.98 29.99
C THR B 54 -17.92 10.64 29.81
N LYS B 55 -19.10 10.61 29.16
CA LYS B 55 -19.69 9.33 28.83
C LYS B 55 -18.99 8.81 27.57
N VAL B 56 -18.58 7.54 27.56
CA VAL B 56 -17.76 7.00 26.47
C VAL B 56 -18.31 5.62 26.12
N ALA B 57 -17.89 5.11 24.97
CA ALA B 57 -18.18 3.73 24.60
C ALA B 57 -16.89 2.93 24.71
N VAL B 58 -16.99 1.70 25.21
CA VAL B 58 -15.80 0.90 25.43
C VAL B 58 -15.93 -0.39 24.67
N LYS B 59 -14.98 -0.66 23.81
CA LYS B 59 -14.91 -1.91 23.07
C LYS B 59 -13.98 -2.87 23.80
N MET B 60 -14.42 -4.11 23.96
CA MET B 60 -13.58 -5.10 24.63
C MET B 60 -13.89 -6.46 24.03
N LEU B 61 -13.05 -7.43 24.33
CA LEU B 61 -13.32 -8.82 23.95
C LEU B 61 -14.41 -9.42 24.84
N LYS B 62 -15.13 -10.38 24.29
CA LYS B 62 -15.91 -11.29 25.13
C LYS B 62 -14.99 -12.39 25.68
N SER B 63 -15.49 -13.08 26.69
CA SER B 63 -14.64 -14.03 27.39
C SER B 63 -14.38 -15.31 26.60
N ASP B 64 -15.07 -15.55 25.47
CA ASP B 64 -14.72 -16.64 24.56
C ASP B 64 -13.74 -16.23 23.47
N ALA B 65 -13.13 -15.06 23.57
CA ALA B 65 -12.21 -14.60 22.54
C ALA B 65 -10.95 -15.45 22.47
N THR B 66 -10.40 -15.54 21.28
CA THR B 66 -9.14 -16.21 21.01
C THR B 66 -8.03 -15.19 20.91
N GLU B 67 -6.81 -15.69 20.81
CA GLU B 67 -5.67 -14.81 20.64
C GLU B 67 -5.75 -14.06 19.32
N LYS B 68 -6.29 -14.70 18.28
CA LYS B 68 -6.53 -13.99 17.04
C LYS B 68 -7.49 -12.83 17.24
N ASP B 69 -8.54 -13.03 18.04
CA ASP B 69 -9.46 -11.93 18.33
C ASP B 69 -8.74 -10.79 19.02
N LEU B 70 -7.90 -11.11 20.01
CA LEU B 70 -7.13 -10.03 20.66
C LEU B 70 -6.23 -9.32 19.64
N SER B 71 -5.57 -10.06 18.73
CA SER B 71 -4.72 -9.34 17.80
C SER B 71 -5.54 -8.43 16.89
N ASP B 72 -6.76 -8.85 16.54
CA ASP B 72 -7.66 -8.02 15.73
C ASP B 72 -8.05 -6.75 16.45
N LEU B 73 -8.36 -6.85 17.75
CA LEU B 73 -8.77 -5.64 18.47
C LEU B 73 -7.59 -4.70 18.63
N ILE B 74 -6.40 -5.25 18.92
CA ILE B 74 -5.18 -4.44 19.00
C ILE B 74 -4.96 -3.75 17.67
N SER B 75 -5.17 -4.47 16.59
CA SER B 75 -4.94 -3.89 15.27
C SER B 75 -5.91 -2.75 14.99
N GLU B 76 -7.15 -2.89 15.44
CA GLU B 76 -8.14 -1.82 15.25
C GLU B 76 -7.76 -0.59 16.06
N MET B 77 -7.32 -0.80 17.31
CA MET B 77 -6.84 0.31 18.11
C MET B 77 -5.63 0.99 17.48
N GLU B 78 -4.66 0.21 16.99
CA GLU B 78 -3.48 0.82 16.38
C GLU B 78 -3.83 1.57 15.11
N MET B 79 -4.77 1.05 14.33
CA MET B 79 -5.23 1.75 13.12
C MET B 79 -5.88 3.09 13.47
N MET B 80 -6.69 3.12 14.53
CA MET B 80 -7.26 4.38 14.99
C MET B 80 -6.21 5.39 15.37
N LYS B 81 -5.14 4.93 16.03
CA LYS B 81 -4.05 5.86 16.31
C LYS B 81 -3.43 6.39 15.04
N MET B 82 -3.22 5.54 14.04
CA MET B 82 -2.55 6.03 12.83
C MET B 82 -3.46 6.98 12.06
N ILE B 83 -4.76 6.71 12.05
CA ILE B 83 -5.67 7.52 11.24
C ILE B 83 -5.84 8.92 11.82
N GLY B 84 -5.82 9.06 13.17
CA GLY B 84 -6.01 10.36 13.79
C GLY B 84 -7.47 10.80 13.83
N LYS B 85 -7.68 12.03 14.32
CA LYS B 85 -9.02 12.45 14.73
C LYS B 85 -9.72 13.22 13.63
N HIS B 86 -11.04 13.00 13.53
CA HIS B 86 -11.89 13.80 12.67
C HIS B 86 -13.29 13.88 13.28
N LYS B 87 -13.96 15.04 13.09
CA LYS B 87 -15.29 15.23 13.68
C LYS B 87 -16.28 14.16 13.26
N ASN B 88 -16.16 13.62 12.05
CA ASN B 88 -17.19 12.76 11.49
C ASN B 88 -16.79 11.28 11.48
N ILE B 89 -15.89 10.89 12.40
CA ILE B 89 -15.61 9.48 12.66
C ILE B 89 -15.70 9.27 14.17
N ILE B 90 -15.89 8.02 14.56
CA ILE B 90 -15.86 7.65 15.98
C ILE B 90 -14.39 7.61 16.40
N ASN B 91 -14.00 8.50 17.30
CA ASN B 91 -12.59 8.69 17.59
C ASN B 91 -12.13 7.87 18.79
N LEU B 92 -10.87 7.47 18.73
CA LEU B 92 -10.19 6.87 19.88
C LEU B 92 -9.95 7.95 20.92
N LEU B 93 -10.27 7.64 22.17
CA LEU B 93 -10.05 8.54 23.27
C LEU B 93 -9.06 8.02 24.29
N GLY B 94 -8.87 6.70 24.38
CA GLY B 94 -7.90 6.19 25.34
C GLY B 94 -8.00 4.68 25.35
N ALA B 95 -7.17 4.06 26.20
CA ALA B 95 -7.23 2.61 26.24
C ALA B 95 -6.76 2.15 27.59
N CYS B 96 -7.26 0.99 28.03
CA CYS B 96 -6.66 0.32 29.18
C CYS B 96 -6.03 -0.95 28.62
N THR B 97 -4.69 -1.00 28.62
CA THR B 97 -3.99 -2.11 28.00
C THR B 97 -3.23 -2.95 29.00
N GLN B 98 -2.97 -2.42 30.20
CA GLN B 98 -2.05 -3.03 31.16
C GLN B 98 -2.85 -3.71 32.25
N ASP B 99 -2.34 -4.85 32.73
CA ASP B 99 -2.82 -5.48 33.96
C ASP B 99 -4.33 -5.72 33.93
N GLY B 100 -4.80 -6.40 32.88
CA GLY B 100 -6.20 -6.67 32.72
C GLY B 100 -6.64 -6.61 31.26
N PRO B 101 -7.93 -6.89 31.04
CA PRO B 101 -8.49 -6.95 29.68
C PRO B 101 -8.29 -5.64 28.94
N LEU B 102 -8.09 -5.75 27.65
CA LEU B 102 -7.98 -4.59 26.79
C LEU B 102 -9.33 -3.89 26.64
N TYR B 103 -9.34 -2.59 26.93
CA TYR B 103 -10.51 -1.74 26.75
C TYR B 103 -10.11 -0.65 25.80
N VAL B 104 -10.81 -0.54 24.67
CA VAL B 104 -10.51 0.47 23.66
C VAL B 104 -11.63 1.51 23.79
N ILE B 105 -11.29 2.71 24.23
CA ILE B 105 -12.27 3.68 24.67
C ILE B 105 -12.50 4.64 23.51
N VAL B 106 -13.75 4.78 23.07
CA VAL B 106 -14.06 5.60 21.92
C VAL B 106 -15.22 6.52 22.23
N GLU B 107 -15.47 7.46 21.30
CA GLU B 107 -16.60 8.37 21.49
C GLU B 107 -17.93 7.63 21.55
N TYR B 108 -18.83 8.14 22.41
CA TYR B 108 -20.18 7.62 22.57
C TYR B 108 -21.14 8.43 21.70
N ALA B 109 -22.00 7.72 20.96
CA ALA B 109 -22.98 8.31 20.04
C ALA B 109 -24.37 7.99 20.59
N SER B 110 -24.93 8.93 21.37
CA SER B 110 -26.09 8.60 22.20
C SER B 110 -27.34 8.28 21.39
N LYS B 111 -27.44 8.76 20.16
CA LYS B 111 -28.64 8.54 19.37
C LYS B 111 -28.58 7.25 18.55
N GLY B 112 -27.49 6.47 18.64
CA GLY B 112 -27.47 5.18 17.98
C GLY B 112 -27.14 5.33 16.50
N ASN B 113 -27.42 4.27 15.74
CA ASN B 113 -27.00 4.27 14.34
C ASN B 113 -27.98 5.07 13.48
N LEU B 114 -27.48 5.49 12.33
CA LEU B 114 -28.22 6.37 11.46
C LEU B 114 -29.48 5.71 10.88
N ARG B 115 -29.40 4.41 10.59
CA ARG B 115 -30.58 3.74 10.03
C ARG B 115 -31.76 3.82 10.98
N GLU B 116 -31.52 3.51 12.26
CA GLU B 116 -32.59 3.62 13.26
C GLU B 116 -32.96 5.07 13.50
N TYR B 117 -31.98 5.98 13.48
CA TYR B 117 -32.27 7.40 13.61
C TYR B 117 -33.18 7.91 12.50
N LEU B 118 -32.90 7.53 11.25
CA LEU B 118 -33.78 7.95 10.15
C LEU B 118 -35.18 7.36 10.30
N GLN B 119 -35.25 6.08 10.63
CA GLN B 119 -36.54 5.37 10.65
C GLN B 119 -37.46 5.94 11.72
N ALA B 120 -36.89 6.35 12.85
CA ALA B 120 -37.68 6.93 13.92
C ALA B 120 -38.19 8.32 13.59
N ARG B 121 -37.72 8.93 12.52
CA ARG B 121 -38.12 10.30 12.20
C ARG B 121 -38.84 10.35 10.86
N ARG B 122 -39.52 9.28 10.53
CA ARG B 122 -40.24 9.13 9.28
C ARG B 122 -41.63 9.76 9.36
N PRO B 123 -42.04 10.52 8.35
CA PRO B 123 -43.47 10.77 8.13
C PRO B 123 -44.06 9.76 7.16
N PRO B 124 -45.03 8.95 7.59
CA PRO B 124 -45.67 8.00 6.67
C PRO B 124 -46.65 8.71 5.74
N GLY B 125 -46.36 8.67 4.43
CA GLY B 125 -47.22 9.28 3.44
C GLY B 125 -46.91 8.88 2.00
N GLN B 139 -38.73 15.01 13.23
CA GLN B 139 -38.94 15.25 11.80
C GLN B 139 -37.72 15.91 11.11
N LEU B 140 -37.25 15.30 10.02
CA LEU B 140 -36.03 15.74 9.34
C LEU B 140 -36.37 16.57 8.10
N SER B 141 -35.81 17.77 8.00
CA SER B 141 -35.98 18.57 6.81
C SER B 141 -35.08 18.08 5.69
N SER B 142 -35.33 18.60 4.48
CA SER B 142 -34.43 18.40 3.36
C SER B 142 -33.00 18.79 3.69
N LYS B 143 -32.83 19.92 4.38
CA LYS B 143 -31.48 20.36 4.69
C LYS B 143 -30.83 19.43 5.70
N ASP B 144 -31.58 18.95 6.69
CA ASP B 144 -31.04 17.99 7.65
C ASP B 144 -30.54 16.75 6.94
N LEU B 145 -31.32 16.26 5.97
CA LEU B 145 -30.93 15.06 5.22
C LEU B 145 -29.67 15.29 4.40
N VAL B 146 -29.60 16.40 3.66
CA VAL B 146 -28.40 16.66 2.87
C VAL B 146 -27.22 16.92 3.81
N SER B 147 -27.49 17.52 4.96
CA SER B 147 -26.40 17.74 5.92
C SER B 147 -25.85 16.41 6.44
N CYS B 148 -26.74 15.45 6.76
CA CYS B 148 -26.28 14.11 7.14
C CYS B 148 -25.35 13.52 6.07
N ALA B 149 -25.79 13.54 4.81
CA ALA B 149 -24.98 13.01 3.73
C ALA B 149 -23.62 13.70 3.65
N TYR B 150 -23.62 15.04 3.76
CA TYR B 150 -22.39 15.83 3.76
C TYR B 150 -21.42 15.34 4.84
N GLN B 151 -21.93 15.20 6.06
CA GLN B 151 -21.06 14.81 7.18
C GLN B 151 -20.46 13.44 6.95
N VAL B 152 -21.27 12.49 6.45
CA VAL B 152 -20.76 11.16 6.17
C VAL B 152 -19.70 11.24 5.09
N ALA B 153 -19.98 12.00 4.01
CA ALA B 153 -18.98 12.14 2.96
C ALA B 153 -17.70 12.75 3.50
N ARG B 154 -17.81 13.72 4.40
CA ARG B 154 -16.61 14.39 4.88
C ARG B 154 -15.80 13.46 5.77
N GLY B 155 -16.47 12.64 6.58
CA GLY B 155 -15.77 11.61 7.33
C GLY B 155 -15.06 10.62 6.41
N MET B 156 -15.76 10.13 5.36
CA MET B 156 -15.15 9.21 4.42
C MET B 156 -13.99 9.87 3.66
N GLU B 157 -14.13 11.17 3.34
CA GLU B 157 -13.02 11.88 2.68
C GLU B 157 -11.78 11.87 3.57
N TYR B 158 -11.97 12.08 4.86
CA TYR B 158 -10.84 12.03 5.79
C TYR B 158 -10.23 10.63 5.84
N LEU B 159 -11.10 9.61 6.05
CA LEU B 159 -10.61 8.23 6.09
C LEU B 159 -9.88 7.87 4.83
N ALA B 160 -10.39 8.28 3.67
CA ALA B 160 -9.67 7.90 2.46
C ALA B 160 -8.34 8.64 2.37
N SER B 161 -8.25 9.85 2.93
CA SER B 161 -6.99 10.58 2.91
C SER B 161 -5.96 9.90 3.81
N LYS B 162 -6.40 9.08 4.78
CA LYS B 162 -5.54 8.32 5.67
C LYS B 162 -5.38 6.86 5.20
N LYS B 163 -5.73 6.58 3.95
CA LYS B 163 -5.55 5.28 3.32
C LYS B 163 -6.45 4.21 3.94
N CYS B 164 -7.58 4.62 4.51
CA CYS B 164 -8.50 3.69 5.16
C CYS B 164 -9.67 3.37 4.23
N ILE B 165 -9.81 2.10 3.86
CA ILE B 165 -10.96 1.56 3.12
C ILE B 165 -11.92 0.93 4.11
N HIS B 166 -13.19 1.36 4.08
CA HIS B 166 -14.15 0.90 5.09
C HIS B 166 -14.63 -0.52 4.81
N ARG B 167 -15.11 -0.76 3.59
CA ARG B 167 -15.61 -2.06 3.13
C ARG B 167 -17.00 -2.45 3.62
N ASP B 168 -17.56 -1.81 4.65
CA ASP B 168 -19.00 -2.02 4.89
C ASP B 168 -19.68 -0.70 5.25
N LEU B 169 -19.50 0.31 4.39
CA LEU B 169 -20.17 1.60 4.62
C LEU B 169 -21.66 1.44 4.39
N ALA B 170 -22.44 1.83 5.39
CA ALA B 170 -23.88 1.65 5.35
C ALA B 170 -24.41 2.48 6.51
N ALA B 171 -25.69 2.84 6.45
CA ALA B 171 -26.23 3.68 7.54
C ALA B 171 -26.15 2.98 8.89
N ARG B 172 -26.24 1.65 8.92
CA ARG B 172 -26.04 0.90 10.16
C ARG B 172 -24.67 1.18 10.79
N ASN B 173 -23.67 1.58 10.01
CA ASN B 173 -22.33 1.82 10.51
C ASN B 173 -21.99 3.32 10.63
N VAL B 174 -23.01 4.17 10.60
CA VAL B 174 -22.87 5.58 10.94
C VAL B 174 -23.62 5.79 12.24
N LEU B 175 -22.97 6.40 13.21
CA LEU B 175 -23.60 6.64 14.49
C LEU B 175 -23.91 8.13 14.64
N VAL B 176 -24.89 8.45 15.48
CA VAL B 176 -25.37 9.83 15.63
C VAL B 176 -25.19 10.26 17.09
N THR B 177 -24.47 11.36 17.31
CA THR B 177 -24.18 11.80 18.67
C THR B 177 -25.36 12.57 19.26
N GLU B 178 -25.17 12.98 20.53
CA GLU B 178 -26.20 13.78 21.20
C GLU B 178 -26.46 15.09 20.46
N ASP B 179 -25.45 15.63 19.79
CA ASP B 179 -25.55 16.89 19.05
C ASP B 179 -25.82 16.69 17.55
N ASN B 180 -26.31 15.51 17.17
CA ASN B 180 -26.64 15.15 15.78
C ASN B 180 -25.45 15.23 14.84
N VAL B 181 -24.26 14.94 15.36
CA VAL B 181 -23.08 14.79 14.52
C VAL B 181 -23.03 13.35 14.00
N MET B 182 -22.85 13.21 12.69
CA MET B 182 -22.70 11.90 12.04
C MET B 182 -21.26 11.42 12.26
N LYS B 183 -21.10 10.19 12.72
CA LYS B 183 -19.74 9.64 12.91
C LYS B 183 -19.66 8.25 12.29
N ILE B 184 -18.72 8.05 11.35
CA ILE B 184 -18.49 6.72 10.80
C ILE B 184 -17.89 5.80 11.85
N ALA B 185 -18.47 4.62 12.01
CA ALA B 185 -17.95 3.62 12.94
C ALA B 185 -17.32 2.46 12.17
N ASP B 186 -16.54 1.65 12.92
CA ASP B 186 -16.08 0.36 12.41
C ASP B 186 -15.12 0.52 11.25
N PHE B 187 -14.46 1.65 11.15
CA PHE B 187 -13.55 1.89 10.04
C PHE B 187 -12.17 1.29 10.27
N GLY B 188 -11.83 0.97 11.52
CA GLY B 188 -10.53 0.44 11.86
C GLY B 188 -10.40 -1.07 11.80
N LEU B 189 -11.51 -1.77 11.62
CA LEU B 189 -11.56 -3.23 11.61
C LEU B 189 -10.67 -3.84 10.53
N ALA B 190 -10.25 -5.08 10.77
CA ALA B 190 -9.41 -5.82 9.83
C ALA B 190 -10.16 -6.20 8.55
N TYR B 198 -19.80 -15.92 3.04
CA TYR B 198 -20.18 -14.58 3.48
C TYR B 198 -21.51 -14.10 2.86
N TYR B 199 -21.62 -14.24 1.53
CA TYR B 199 -22.56 -13.46 0.73
C TYR B 199 -24.03 -13.73 1.05
N LYS B 200 -24.34 -14.74 1.87
CA LYS B 200 -25.72 -15.03 2.23
C LYS B 200 -26.10 -14.60 3.64
N LYS B 201 -25.13 -14.24 4.48
CA LYS B 201 -25.38 -14.07 5.91
C LYS B 201 -26.11 -12.76 6.17
N THR B 202 -27.37 -12.87 6.59
CA THR B 202 -28.13 -11.71 7.07
C THR B 202 -27.75 -11.52 8.53
N THR B 203 -26.87 -10.54 8.79
CA THR B 203 -26.29 -10.41 10.12
C THR B 203 -27.36 -10.05 11.15
N ASN B 204 -27.98 -8.87 10.99
CA ASN B 204 -28.98 -8.39 11.93
C ASN B 204 -30.21 -7.88 11.22
N GLY B 205 -30.54 -8.50 10.09
CA GLY B 205 -31.55 -7.97 9.18
C GLY B 205 -30.88 -7.53 7.91
N ARG B 206 -29.68 -6.95 8.04
CA ARG B 206 -28.95 -6.41 6.91
C ARG B 206 -28.34 -7.54 6.08
N LEU B 207 -28.52 -7.46 4.76
CA LEU B 207 -27.79 -8.30 3.82
C LEU B 207 -26.68 -7.48 3.17
N PRO B 208 -25.45 -7.51 3.72
CA PRO B 208 -24.42 -6.53 3.32
C PRO B 208 -24.02 -6.55 1.86
N VAL B 209 -24.24 -7.64 1.11
CA VAL B 209 -23.93 -7.64 -0.32
C VAL B 209 -24.66 -6.52 -1.06
N LYS B 210 -25.83 -6.09 -0.55
CA LYS B 210 -26.58 -5.03 -1.24
C LYS B 210 -25.94 -3.65 -1.13
N TRP B 211 -24.82 -3.52 -0.39
CA TRP B 211 -24.08 -2.29 -0.31
C TRP B 211 -22.76 -2.36 -1.05
N MET B 212 -22.42 -3.55 -1.58
CA MET B 212 -21.13 -3.78 -2.24
C MET B 212 -21.08 -3.29 -3.68
N ALA B 213 -19.97 -2.67 -4.04
CA ALA B 213 -19.73 -2.38 -5.44
C ALA B 213 -19.62 -3.70 -6.21
N PRO B 214 -19.94 -3.68 -7.50
CA PRO B 214 -19.83 -4.92 -8.28
C PRO B 214 -18.44 -5.53 -8.27
N GLU B 215 -17.38 -4.71 -8.33
CA GLU B 215 -16.03 -5.30 -8.29
C GLU B 215 -15.79 -6.01 -6.96
N ALA B 216 -16.36 -5.50 -5.86
CA ALA B 216 -16.22 -6.21 -4.60
C ALA B 216 -17.13 -7.43 -4.56
N LEU B 217 -18.35 -7.30 -5.09
CA LEU B 217 -19.29 -8.41 -5.13
C LEU B 217 -18.74 -9.57 -5.94
N PHE B 218 -18.31 -9.31 -7.18
CA PHE B 218 -17.81 -10.36 -8.05
C PHE B 218 -16.37 -10.74 -7.72
N ASP B 219 -15.48 -9.75 -7.62
CA ASP B 219 -14.03 -9.97 -7.64
C ASP B 219 -13.33 -9.65 -6.32
N ARG B 220 -14.08 -9.37 -5.25
CA ARG B 220 -13.46 -9.13 -3.93
C ARG B 220 -12.42 -8.01 -3.98
N ILE B 221 -12.63 -7.03 -4.86
CA ILE B 221 -11.76 -5.87 -5.01
C ILE B 221 -12.31 -4.71 -4.19
N TYR B 222 -11.46 -4.10 -3.35
CA TYR B 222 -11.86 -3.05 -2.43
C TYR B 222 -10.93 -1.86 -2.59
N THR B 223 -11.50 -0.71 -2.94
CA THR B 223 -10.78 0.55 -3.08
C THR B 223 -11.59 1.63 -2.40
N HIS B 224 -11.04 2.85 -2.39
CA HIS B 224 -11.88 3.97 -2.02
C HIS B 224 -13.06 4.12 -2.95
N GLN B 225 -12.89 3.73 -4.22
CA GLN B 225 -13.99 3.89 -5.16
C GLN B 225 -15.10 2.86 -4.94
N SER B 226 -14.77 1.68 -4.39
CA SER B 226 -15.84 0.76 -4.00
C SER B 226 -16.57 1.25 -2.75
N ASP B 227 -15.88 1.93 -1.84
CA ASP B 227 -16.62 2.62 -0.78
C ASP B 227 -17.56 3.68 -1.35
N VAL B 228 -17.18 4.32 -2.45
CA VAL B 228 -18.05 5.36 -2.99
C VAL B 228 -19.37 4.74 -3.48
N TRP B 229 -19.29 3.55 -4.08
CA TRP B 229 -20.54 2.85 -4.43
C TRP B 229 -21.41 2.66 -3.20
N SER B 230 -20.80 2.16 -2.12
CA SER B 230 -21.55 1.93 -0.88
C SER B 230 -22.14 3.24 -0.37
N PHE B 231 -21.39 4.34 -0.54
CA PHE B 231 -21.89 5.62 -0.13
C PHE B 231 -23.14 5.98 -0.92
N GLY B 232 -23.19 5.62 -2.20
CA GLY B 232 -24.42 5.85 -2.97
C GLY B 232 -25.60 5.11 -2.38
N VAL B 233 -25.37 3.87 -1.94
CA VAL B 233 -26.45 3.12 -1.31
C VAL B 233 -26.83 3.78 -0.01
N LEU B 234 -25.83 4.26 0.74
CA LEU B 234 -26.09 5.03 1.97
C LEU B 234 -26.91 6.29 1.67
N LEU B 235 -26.61 6.99 0.57
CA LEU B 235 -27.42 8.15 0.20
C LEU B 235 -28.86 7.76 -0.03
N TRP B 236 -29.06 6.64 -0.72
CA TRP B 236 -30.41 6.13 -0.93
C TRP B 236 -31.09 5.81 0.41
N GLU B 237 -30.36 5.22 1.35
CA GLU B 237 -30.91 5.00 2.68
C GLU B 237 -31.33 6.31 3.35
N ILE B 238 -30.49 7.35 3.24
CA ILE B 238 -30.84 8.63 3.86
C ILE B 238 -32.16 9.15 3.27
N PHE B 239 -32.25 9.19 1.95
CA PHE B 239 -33.40 9.83 1.33
C PHE B 239 -34.63 8.93 1.27
N THR B 240 -34.51 7.67 1.63
CA THR B 240 -35.68 6.84 1.91
C THR B 240 -35.98 6.77 3.40
N LEU B 241 -35.27 7.56 4.21
CA LEU B 241 -35.42 7.52 5.67
C LEU B 241 -35.29 6.10 6.21
N GLY B 242 -34.25 5.40 5.77
CA GLY B 242 -33.98 4.07 6.27
C GLY B 242 -34.62 2.93 5.50
N GLY B 243 -34.85 3.10 4.20
CA GLY B 243 -35.40 2.02 3.39
C GLY B 243 -34.43 0.87 3.21
N SER B 244 -34.97 -0.25 2.76
CA SER B 244 -34.09 -1.39 2.56
C SER B 244 -33.85 -1.63 1.07
N PRO B 245 -32.59 -1.72 0.66
CA PRO B 245 -32.29 -1.78 -0.76
C PRO B 245 -32.70 -3.11 -1.40
N TYR B 246 -33.17 -3.03 -2.64
CA TYR B 246 -33.52 -4.18 -3.45
C TYR B 246 -34.36 -5.17 -2.65
N PRO B 247 -35.47 -4.72 -2.06
CA PRO B 247 -36.26 -5.64 -1.24
C PRO B 247 -36.77 -6.81 -2.07
N GLY B 248 -36.72 -7.99 -1.47
CA GLY B 248 -37.16 -9.21 -2.11
C GLY B 248 -36.20 -9.83 -3.10
N VAL B 249 -35.05 -9.20 -3.36
CA VAL B 249 -34.13 -9.66 -4.39
C VAL B 249 -33.07 -10.54 -3.73
N PRO B 250 -33.03 -11.83 -4.02
CA PRO B 250 -31.95 -12.66 -3.44
C PRO B 250 -30.62 -12.36 -4.11
N VAL B 251 -29.57 -12.87 -3.46
CA VAL B 251 -28.19 -12.56 -3.86
C VAL B 251 -27.96 -12.85 -5.34
N GLU B 252 -28.39 -14.02 -5.80
CA GLU B 252 -28.10 -14.42 -7.18
C GLU B 252 -28.77 -13.50 -8.19
N GLU B 253 -30.00 -13.06 -7.90
CA GLU B 253 -30.67 -12.15 -8.84
C GLU B 253 -30.05 -10.76 -8.81
N LEU B 254 -29.46 -10.39 -7.67
CA LEU B 254 -28.82 -9.09 -7.58
C LEU B 254 -27.61 -9.02 -8.50
N PHE B 255 -26.81 -10.09 -8.54
CA PHE B 255 -25.75 -10.20 -9.56
C PHE B 255 -26.29 -9.85 -10.93
N LYS B 256 -27.37 -10.52 -11.34
CA LYS B 256 -27.91 -10.33 -12.68
C LYS B 256 -28.35 -8.88 -12.87
N LEU B 257 -29.13 -8.34 -11.92
CA LEU B 257 -29.66 -7.00 -12.07
C LEU B 257 -28.57 -5.97 -12.32
N LEU B 258 -27.53 -5.99 -11.48
CA LEU B 258 -26.51 -4.95 -11.57
C LEU B 258 -25.79 -5.04 -12.91
N LYS B 259 -25.44 -6.26 -13.33
CA LYS B 259 -24.82 -6.45 -14.63
C LYS B 259 -25.67 -5.88 -15.74
N GLU B 260 -27.00 -6.09 -15.68
CA GLU B 260 -27.87 -5.56 -16.73
C GLU B 260 -27.99 -4.04 -16.68
N GLY B 261 -27.42 -3.38 -15.68
CA GLY B 261 -27.51 -1.94 -15.56
C GLY B 261 -28.67 -1.43 -14.73
N HIS B 262 -29.42 -2.32 -14.09
CA HIS B 262 -30.50 -1.92 -13.21
C HIS B 262 -29.91 -1.19 -12.00
N ARG B 263 -30.61 -0.17 -11.51
CA ARG B 263 -30.22 0.56 -10.32
C ARG B 263 -31.46 0.90 -9.52
N MET B 264 -31.33 1.12 -8.21
CA MET B 264 -32.51 1.52 -7.45
C MET B 264 -33.10 2.82 -8.00
N ASP B 265 -34.42 2.98 -7.79
CA ASP B 265 -35.15 4.15 -8.24
C ASP B 265 -34.94 5.37 -7.33
N LYS B 266 -35.24 6.53 -7.87
CA LYS B 266 -35.17 7.79 -7.11
C LYS B 266 -36.15 7.76 -5.94
N PRO B 267 -35.70 7.92 -4.69
CA PRO B 267 -36.64 7.92 -3.56
C PRO B 267 -37.68 9.02 -3.69
N SER B 268 -38.90 8.75 -3.18
CA SER B 268 -39.94 9.78 -3.12
C SER B 268 -39.37 11.05 -2.52
N ASN B 269 -39.68 12.16 -3.17
CA ASN B 269 -39.36 13.50 -2.70
C ASN B 269 -37.88 13.83 -2.81
N CYS B 270 -37.04 12.92 -3.33
CA CYS B 270 -35.60 13.20 -3.45
C CYS B 270 -35.34 14.03 -4.71
N THR B 271 -34.39 14.98 -4.63
CA THR B 271 -34.15 15.86 -5.78
C THR B 271 -33.46 15.10 -6.90
N ASN B 272 -33.66 15.58 -8.14
CA ASN B 272 -32.94 14.99 -9.26
C ASN B 272 -31.43 15.09 -9.06
N GLU B 273 -30.97 16.16 -8.44
CA GLU B 273 -29.53 16.37 -8.27
C GLU B 273 -28.93 15.31 -7.36
N LEU B 274 -29.63 15.01 -6.27
CA LEU B 274 -29.14 13.99 -5.34
C LEU B 274 -29.31 12.60 -5.94
N TYR B 275 -30.31 12.39 -6.81
CA TYR B 275 -30.38 11.10 -7.47
C TYR B 275 -29.25 10.95 -8.48
N MET B 276 -28.93 12.02 -9.21
CA MET B 276 -27.77 11.96 -10.09
C MET B 276 -26.52 11.62 -9.30
N MET B 277 -26.39 12.17 -8.08
CA MET B 277 -25.24 11.80 -7.25
C MET B 277 -25.25 10.31 -6.94
N MET B 278 -26.38 9.76 -6.51
CA MET B 278 -26.44 8.33 -6.26
C MET B 278 -26.04 7.55 -7.49
N ARG B 279 -26.63 7.90 -8.65
CA ARG B 279 -26.35 7.14 -9.85
C ARG B 279 -24.89 7.27 -10.26
N ASP B 280 -24.30 8.44 -10.05
CA ASP B 280 -22.86 8.65 -10.27
C ASP B 280 -22.02 7.71 -9.40
N CYS B 281 -22.37 7.59 -8.11
CA CYS B 281 -21.69 6.63 -7.27
C CYS B 281 -21.86 5.20 -7.76
N TRP B 282 -22.93 4.89 -8.52
CA TRP B 282 -23.14 3.53 -8.96
C TRP B 282 -22.72 3.30 -10.42
N HIS B 283 -21.83 4.15 -10.95
CA HIS B 283 -21.16 3.83 -12.22
C HIS B 283 -20.54 2.44 -12.14
N ALA B 284 -20.70 1.66 -13.20
CA ALA B 284 -20.12 0.32 -13.18
C ALA B 284 -18.59 0.39 -13.11
N VAL B 285 -18.01 1.47 -13.62
CA VAL B 285 -16.55 1.61 -13.74
C VAL B 285 -16.06 2.44 -12.57
N PRO B 286 -15.28 1.86 -11.64
CA PRO B 286 -14.83 2.63 -10.46
C PRO B 286 -14.23 4.00 -10.77
N SER B 287 -13.46 4.14 -11.86
CA SER B 287 -12.82 5.42 -12.11
C SER B 287 -13.77 6.50 -12.63
N GLN B 288 -15.00 6.15 -13.02
CA GLN B 288 -15.97 7.17 -13.40
C GLN B 288 -16.86 7.60 -12.24
N ARG B 289 -16.75 6.97 -11.07
CA ARG B 289 -17.47 7.44 -9.91
C ARG B 289 -16.80 8.70 -9.38
N PRO B 290 -17.56 9.58 -8.72
CA PRO B 290 -16.90 10.66 -8.02
C PRO B 290 -15.99 10.09 -6.95
N THR B 291 -15.01 10.88 -6.57
CA THR B 291 -14.26 10.56 -5.37
C THR B 291 -14.96 11.19 -4.21
N PHE B 292 -14.56 10.79 -2.99
CA PHE B 292 -15.11 11.45 -1.82
C PHE B 292 -14.77 12.92 -1.81
N LYS B 293 -13.60 13.33 -2.33
CA LYS B 293 -13.30 14.76 -2.36
C LYS B 293 -14.32 15.51 -3.23
N GLN B 294 -14.66 14.95 -4.39
CA GLN B 294 -15.68 15.56 -5.24
C GLN B 294 -17.07 15.54 -4.57
N LEU B 295 -17.41 14.43 -3.91
CA LEU B 295 -18.72 14.39 -3.24
C LEU B 295 -18.84 15.43 -2.17
N VAL B 296 -17.76 15.65 -1.39
CA VAL B 296 -17.80 16.64 -0.34
C VAL B 296 -18.00 18.03 -0.95
N GLU B 297 -17.30 18.32 -2.05
CA GLU B 297 -17.43 19.64 -2.66
C GLU B 297 -18.83 19.86 -3.18
N ASP B 298 -19.37 18.85 -3.86
CA ASP B 298 -20.73 18.93 -4.38
C ASP B 298 -21.74 19.03 -3.25
N LEU B 299 -21.59 18.20 -2.21
CA LEU B 299 -22.57 18.28 -1.15
C LEU B 299 -22.45 19.59 -0.38
N ASP B 300 -21.22 20.13 -0.27
CA ASP B 300 -21.11 21.41 0.41
C ASP B 300 -21.97 22.45 -0.30
N ARG B 301 -21.93 22.45 -1.62
CA ARG B 301 -22.76 23.39 -2.38
C ARG B 301 -24.24 23.11 -2.15
N ILE B 302 -24.62 21.83 -2.25
CA ILE B 302 -26.05 21.50 -2.12
C ILE B 302 -26.58 21.84 -0.74
N VAL B 303 -25.81 21.57 0.32
CA VAL B 303 -26.24 22.00 1.64
C VAL B 303 -26.46 23.50 1.66
N ALA B 304 -25.49 24.25 1.13
CA ALA B 304 -25.60 25.70 1.15
C ALA B 304 -26.86 26.18 0.42
N LEU B 305 -27.30 25.45 -0.59
CA LEU B 305 -28.39 25.88 -1.46
C LEU B 305 -29.74 25.27 -1.09
N THR B 306 -29.82 24.52 0.01
CA THR B 306 -31.03 23.80 0.37
C THR B 306 -31.75 24.54 1.49
N SER B 307 -33.06 24.69 1.36
CA SER B 307 -33.87 25.35 2.38
C SER B 307 -34.27 24.38 3.49
N ASN B 308 -34.82 24.92 4.57
CA ASN B 308 -35.40 24.10 5.62
C ASN B 308 -36.90 24.42 5.80
#